data_4TSH
#
_entry.id   4TSH
#
_cell.length_a   197.521
_cell.length_b   68.887
_cell.length_c   81.278
_cell.angle_alpha   90.000
_cell.angle_beta   96.820
_cell.angle_gamma   90.000
#
_symmetry.space_group_name_H-M   'C 1 2 1'
#
loop_
_entity.id
_entity.type
_entity.pdbx_description
1 polymer 'Surface protein adhesin'
2 polymer 'Surface protein adhesin'
3 non-polymer 'CALCIUM ION'
4 non-polymer 'MAGNESIUM ION'
5 water water
#
loop_
_entity_poly.entity_id
_entity_poly.type
_entity_poly.pdbx_seq_one_letter_code
_entity_poly.pdbx_strand_id
1 'polypeptide(L)'
;VGTQTGNPATNLPEAQGSASKEAEQSQNQAGETNGSIPVEVPKTDLDQAAKDAKSAGVNVVQDADVNKGTVKTAEEAVQK
ETEIKEDYTKQAEDIKKTTDQYKSDVAAHEAEVAKIKAKNQ
;
A
2 'polypeptide(L)'
;QDLPTPPSVPTVHFHYFKLAVQPQVNKEIRNNNDINIDRTLVAKQSVVKFQLKTADLPAGRDETTSFVLVDPLPSGYQFN
PEATKAASPGFDVTYDNATNTVTFKATAATLATFNADLTKSVATIYPTVVGQVLNDGATYKNNFTLTVNDAYGIKSNVVR
VTTPGKPNDPDNPNNNYIKPTKVNKNENGVVIDGKTVLAGSTNYYELTWDLDQYKNDRSSADTIQKGFYYVDDYPEEALE
LRQDLVKITDANGNEVTGVSVDNYTNLEAAPQEIRDVLSKAGIRPKGAFQIFRADNPREFYDTYVKTGIDLKIVSPMVVK
KQMGQTGGSYENQAYQIDFGNGYASNIVINNVPKINPKKDVTLTLDPADTNNVDGQTIPLNTVFNYRLIGGIIPANHSEE
LFKYNFYDDYDQTGDHYTGQYKVFAKVDITLKNGVIIKSGTELTQYTTAEVDTTKGAITIKFKEAFLRSVSIDSAFQAES
YIQMKRIAVGTFENTYINTVNGVTYSS
;
B
#
loop_
_chem_comp.id
_chem_comp.type
_chem_comp.name
_chem_comp.formula
CA non-polymer 'CALCIUM ION' 'Ca 2'
MG non-polymer 'MAGNESIUM ION' 'Mg 2'
#
# COMPACT_ATOMS: atom_id res chain seq x y z
N VAL A 1 3.58 17.78 1.13
CA VAL A 1 2.83 16.53 1.06
C VAL A 1 2.72 16.01 -0.40
N GLY A 2 3.01 14.73 -0.58
CA GLY A 2 2.94 14.15 -1.90
C GLY A 2 4.19 14.32 -2.77
N THR A 3 5.21 15.02 -2.28
CA THR A 3 6.38 15.27 -3.11
C THR A 3 7.37 14.10 -3.12
N GLN A 4 7.23 13.17 -2.19
CA GLN A 4 8.22 12.07 -2.07
C GLN A 4 7.92 10.92 -3.00
N THR A 5 6.64 10.53 -3.11
CA THR A 5 6.23 9.39 -3.92
C THR A 5 5.07 9.63 -4.91
N GLY A 6 4.44 10.80 -4.83
CA GLY A 6 3.25 11.07 -5.64
C GLY A 6 1.99 10.72 -4.86
N ASN A 7 2.17 10.05 -3.73
CA ASN A 7 1.08 9.74 -2.82
C ASN A 7 1.13 10.73 -1.64
N PRO A 8 0.08 11.55 -1.46
CA PRO A 8 0.08 12.60 -0.42
C PRO A 8 -0.12 12.03 1.00
N ALA A 9 0.80 11.20 1.41
CA ALA A 9 0.79 10.53 2.69
C ALA A 9 0.99 11.53 3.81
N THR A 10 0.20 11.39 4.87
CA THR A 10 0.32 12.23 6.06
C THR A 10 1.10 11.54 7.20
N ASN A 11 1.36 10.23 7.05
CA ASN A 11 2.27 9.50 7.95
C ASN A 11 3.16 8.61 7.07
N LEU A 12 4.39 8.35 7.51
CA LEU A 12 5.34 7.53 6.74
C LEU A 12 5.39 7.94 5.27
N PRO A 13 5.76 9.20 5.02
CA PRO A 13 5.74 9.78 3.67
C PRO A 13 7.01 9.55 2.84
N GLU A 14 8.05 9.03 3.45
CA GLU A 14 9.33 8.98 2.72
C GLU A 14 9.34 7.95 1.60
N ALA A 15 10.06 8.25 0.54
CA ALA A 15 10.23 7.29 -0.53
C ALA A 15 11.23 6.23 -0.09
N GLN A 16 11.09 5.04 -0.66
CA GLN A 16 12.06 4.00 -0.49
C GLN A 16 13.43 4.48 -1.00
N GLY A 17 14.48 4.22 -0.24
CA GLY A 17 15.80 4.62 -0.67
C GLY A 17 16.45 3.67 -1.67
N SER A 18 17.65 4.01 -2.13
CA SER A 18 18.44 3.13 -2.99
C SER A 18 18.75 1.83 -2.29
N ALA A 19 18.86 0.75 -3.05
CA ALA A 19 19.28 -0.53 -2.48
C ALA A 19 20.75 -0.45 -2.04
N SER A 20 21.13 -1.23 -1.04
CA SER A 20 22.54 -1.30 -0.68
C SER A 20 23.29 -1.98 -1.80
N LYS A 21 24.57 -1.66 -1.92
CA LYS A 21 25.44 -2.33 -2.86
C LYS A 21 25.44 -3.82 -2.54
N GLU A 22 25.33 -4.16 -1.26
CA GLU A 22 25.38 -5.58 -0.87
C GLU A 22 24.17 -6.32 -1.44
N ALA A 23 22.98 -5.75 -1.31
CA ALA A 23 21.77 -6.40 -1.82
C ALA A 23 21.79 -6.53 -3.34
N GLU A 24 22.19 -5.45 -4.01
CA GLU A 24 22.28 -5.44 -5.47
C GLU A 24 23.20 -6.58 -5.94
N GLN A 25 24.41 -6.64 -5.40
CA GLN A 25 25.34 -7.68 -5.82
C GLN A 25 24.78 -9.08 -5.51
N SER A 26 24.23 -9.24 -4.31
CA SER A 26 23.73 -10.55 -3.88
C SER A 26 22.61 -11.04 -4.78
N GLN A 27 21.71 -10.12 -5.13
CA GLN A 27 20.59 -10.44 -6.01
C GLN A 27 21.05 -10.67 -7.45
N ASN A 28 22.01 -9.88 -7.93
CA ASN A 28 22.56 -10.10 -9.26
C ASN A 28 23.18 -11.49 -9.38
N GLN A 29 23.63 -12.01 -8.25
CA GLN A 29 24.29 -13.31 -8.19
C GLN A 29 23.37 -14.45 -7.75
N ALA A 30 22.05 -14.23 -7.79
CA ALA A 30 21.09 -15.24 -7.39
C ALA A 30 21.38 -16.57 -8.06
N GLY A 31 21.38 -17.66 -7.29
CA GLY A 31 21.57 -18.97 -7.86
C GLY A 31 23.02 -19.41 -8.02
N GLU A 32 23.96 -18.51 -7.79
CA GLU A 32 25.36 -18.86 -7.96
C GLU A 32 25.88 -19.63 -6.75
N THR A 33 26.86 -20.48 -7.00
CA THR A 33 27.40 -21.35 -5.97
C THR A 33 28.91 -21.32 -5.98
N ASN A 34 29.50 -21.60 -4.82
CA ASN A 34 30.94 -21.82 -4.68
C ASN A 34 31.14 -23.06 -3.82
N GLY A 35 32.02 -23.96 -4.26
CA GLY A 35 32.35 -25.14 -3.48
C GLY A 35 31.20 -26.14 -3.44
N SER A 36 31.21 -26.97 -2.41
CA SER A 36 30.28 -28.07 -2.28
C SER A 36 30.53 -28.79 -0.96
N ILE A 37 29.61 -29.68 -0.60
CA ILE A 37 29.69 -30.50 0.59
C ILE A 37 30.17 -31.92 0.17
N PRO A 38 31.41 -32.30 0.53
CA PRO A 38 31.84 -33.65 0.13
C PRO A 38 31.10 -34.73 0.92
N VAL A 39 30.80 -35.85 0.27
CA VAL A 39 30.21 -36.99 0.97
C VAL A 39 31.04 -38.25 0.75
N GLU A 40 31.05 -39.12 1.76
CA GLU A 40 31.92 -40.31 1.71
C GLU A 40 31.11 -41.59 1.85
N VAL A 41 31.53 -42.62 1.13
CA VAL A 41 31.00 -43.96 1.27
C VAL A 41 32.14 -44.86 1.81
N PRO A 42 31.86 -45.72 2.81
CA PRO A 42 32.98 -46.50 3.35
C PRO A 42 33.63 -47.42 2.33
N LYS A 43 34.96 -47.48 2.38
CA LYS A 43 35.78 -48.25 1.44
C LYS A 43 36.36 -49.53 2.06
N THR A 44 35.95 -49.87 3.28
CA THR A 44 36.71 -50.86 4.05
C THR A 44 36.71 -52.26 3.44
N ASP A 45 35.57 -52.69 2.88
CA ASP A 45 35.51 -53.99 2.22
C ASP A 45 36.43 -54.04 1.00
N LEU A 46 36.42 -52.98 0.19
CA LEU A 46 37.25 -52.96 -0.99
C LEU A 46 38.74 -53.01 -0.58
N ASP A 47 39.06 -52.29 0.50
CA ASP A 47 40.45 -52.20 0.96
C ASP A 47 40.94 -53.55 1.45
N GLN A 48 40.03 -54.28 2.11
CA GLN A 48 40.37 -55.57 2.66
C GLN A 48 40.59 -56.58 1.55
N ALA A 49 39.78 -56.48 0.50
CA ALA A 49 39.94 -57.41 -0.61
C ALA A 49 41.28 -57.17 -1.33
N ALA A 50 41.67 -55.91 -1.49
CA ALA A 50 42.94 -55.59 -2.14
C ALA A 50 44.11 -56.07 -1.29
N LYS A 51 44.03 -55.81 0.02
CA LYS A 51 44.99 -56.33 1.00
C LYS A 51 45.12 -57.86 0.94
N ASP A 52 43.99 -58.56 0.92
CA ASP A 52 44.02 -60.02 0.83
C ASP A 52 44.68 -60.46 -0.48
N ALA A 53 44.46 -59.68 -1.54
CA ALA A 53 45.03 -60.00 -2.85
C ALA A 53 46.54 -59.90 -2.80
N LYS A 54 47.03 -58.78 -2.28
CA LYS A 54 48.46 -58.59 -2.07
C LYS A 54 49.05 -59.73 -1.25
N SER A 55 48.35 -60.13 -0.19
CA SER A 55 48.87 -61.16 0.71
C SER A 55 49.00 -62.49 -0.02
N ALA A 56 48.19 -62.70 -1.05
CA ALA A 56 48.23 -63.96 -1.79
C ALA A 56 49.21 -63.89 -2.95
N GLY A 57 49.93 -62.79 -3.09
CA GLY A 57 50.90 -62.66 -4.17
C GLY A 57 50.36 -62.04 -5.46
N VAL A 58 49.08 -61.65 -5.45
CA VAL A 58 48.47 -61.00 -6.59
C VAL A 58 49.04 -59.60 -6.70
N ASN A 59 49.27 -59.15 -7.91
CA ASN A 59 49.70 -57.76 -8.15
C ASN A 59 48.50 -56.83 -8.13
N VAL A 60 48.60 -55.75 -7.38
CA VAL A 60 47.48 -54.81 -7.16
C VAL A 60 47.86 -53.40 -7.61
N VAL A 61 47.06 -52.85 -8.50
CA VAL A 61 47.22 -51.47 -8.96
C VAL A 61 46.04 -50.59 -8.55
N GLN A 62 46.30 -49.50 -7.86
CA GLN A 62 45.24 -48.53 -7.59
C GLN A 62 45.19 -47.48 -8.70
N ASP A 63 44.03 -47.34 -9.32
CA ASP A 63 43.83 -46.30 -10.33
C ASP A 63 43.36 -45.00 -9.71
N ALA A 64 43.38 -43.94 -10.51
CA ALA A 64 42.96 -42.62 -10.05
C ALA A 64 41.54 -42.64 -9.53
N ASP A 65 41.29 -41.80 -8.53
CA ASP A 65 39.94 -41.59 -8.00
C ASP A 65 39.00 -41.19 -9.13
N VAL A 66 37.81 -41.76 -9.17
CA VAL A 66 36.80 -41.39 -10.14
C VAL A 66 35.89 -40.32 -9.54
N ASN A 67 35.84 -39.19 -10.21
CA ASN A 67 35.07 -38.06 -9.71
C ASN A 67 33.68 -38.12 -10.26
N LYS A 68 32.74 -38.54 -9.41
CA LYS A 68 31.34 -38.62 -9.77
C LYS A 68 30.71 -37.24 -9.93
N GLY A 69 31.40 -36.21 -9.46
CA GLY A 69 30.95 -34.84 -9.68
C GLY A 69 30.08 -34.38 -8.53
N THR A 70 29.14 -33.50 -8.84
CA THR A 70 28.36 -32.79 -7.84
C THR A 70 26.89 -32.92 -8.20
N VAL A 71 26.04 -33.15 -7.20
CA VAL A 71 24.61 -33.27 -7.42
C VAL A 71 23.93 -32.24 -6.54
N LYS A 72 22.70 -31.90 -6.88
CA LYS A 72 22.05 -30.75 -6.25
C LYS A 72 21.15 -31.09 -5.07
N THR A 73 20.83 -32.37 -4.90
CA THR A 73 19.94 -32.81 -3.82
C THR A 73 20.49 -33.99 -3.03
N ALA A 74 20.10 -34.06 -1.78
CA ALA A 74 20.44 -35.18 -0.92
C ALA A 74 19.93 -36.51 -1.49
N GLU A 75 18.77 -36.50 -2.14
CA GLU A 75 18.22 -37.75 -2.68
C GLU A 75 19.09 -38.26 -3.83
N GLU A 76 19.61 -37.37 -4.67
CA GLU A 76 20.48 -37.81 -5.77
C GLU A 76 21.77 -38.40 -5.19
N ALA A 77 22.22 -37.78 -4.12
CA ALA A 77 23.46 -38.18 -3.48
C ALA A 77 23.30 -39.57 -2.89
N VAL A 78 22.17 -39.81 -2.22
CA VAL A 78 21.86 -41.13 -1.70
C VAL A 78 21.84 -42.19 -2.82
N GLN A 79 21.18 -41.87 -3.93
CA GLN A 79 21.26 -42.74 -5.13
C GLN A 79 22.70 -42.99 -5.58
N LYS A 80 23.49 -41.94 -5.67
CA LYS A 80 24.84 -42.13 -6.22
C LYS A 80 25.69 -42.90 -5.19
N GLU A 81 25.42 -42.67 -3.91
CA GLU A 81 26.12 -43.38 -2.85
C GLU A 81 25.82 -44.86 -2.91
N THR A 82 24.58 -45.20 -3.22
CA THR A 82 24.19 -46.58 -3.41
C THR A 82 24.93 -47.18 -4.62
N GLU A 83 25.05 -46.42 -5.70
CA GLU A 83 25.79 -46.91 -6.88
C GLU A 83 27.24 -47.19 -6.54
N ILE A 84 27.85 -46.28 -5.79
CA ILE A 84 29.22 -46.44 -5.33
C ILE A 84 29.38 -47.71 -4.46
N LYS A 85 28.49 -47.92 -3.51
CA LYS A 85 28.57 -49.11 -2.68
C LYS A 85 28.51 -50.37 -3.53
N GLU A 86 27.62 -50.34 -4.52
CA GLU A 86 27.45 -51.48 -5.42
C GLU A 86 28.67 -51.66 -6.31
N ASP A 87 29.30 -50.54 -6.67
CA ASP A 87 30.48 -50.61 -7.49
C ASP A 87 31.65 -51.18 -6.66
N TYR A 88 31.80 -50.70 -5.43
CA TYR A 88 32.82 -51.23 -4.51
C TYR A 88 32.63 -52.71 -4.29
N THR A 89 31.37 -53.13 -4.14
CA THR A 89 31.06 -54.52 -3.89
C THR A 89 31.46 -55.39 -5.10
N LYS A 90 31.18 -54.92 -6.31
CA LYS A 90 31.54 -55.64 -7.54
C LYS A 90 33.06 -55.69 -7.73
N GLN A 91 33.72 -54.54 -7.51
CA GLN A 91 35.18 -54.48 -7.62
C GLN A 91 35.76 -55.52 -6.68
N ALA A 92 35.22 -55.58 -5.46
CA ALA A 92 35.75 -56.45 -4.44
C ALA A 92 35.58 -57.92 -4.81
N GLU A 93 34.41 -58.25 -5.34
CA GLU A 93 34.12 -59.61 -5.74
C GLU A 93 35.06 -60.04 -6.86
N ASP A 94 35.31 -59.15 -7.80
CA ASP A 94 36.16 -59.46 -8.95
C ASP A 94 37.56 -59.74 -8.48
N ILE A 95 38.05 -58.88 -7.60
CA ILE A 95 39.37 -59.07 -7.01
C ILE A 95 39.45 -60.41 -6.28
N LYS A 96 38.39 -60.71 -5.55
CA LYS A 96 38.38 -61.93 -4.73
C LYS A 96 38.36 -63.16 -5.61
N LYS A 97 37.63 -63.07 -6.72
CA LYS A 97 37.54 -64.17 -7.66
C LYS A 97 38.96 -64.47 -8.18
N THR A 98 39.63 -63.43 -8.67
CA THR A 98 40.99 -63.53 -9.19
C THR A 98 41.94 -64.13 -8.17
N THR A 99 41.83 -63.67 -6.92
CA THR A 99 42.72 -64.15 -5.86
C THR A 99 42.49 -65.62 -5.54
N ASP A 100 41.22 -66.04 -5.57
CA ASP A 100 40.91 -67.45 -5.30
C ASP A 100 41.38 -68.30 -6.47
N GLN A 101 41.23 -67.81 -7.69
CA GLN A 101 41.65 -68.58 -8.84
C GLN A 101 43.17 -68.71 -8.83
N TYR A 102 43.85 -67.68 -8.36
CA TYR A 102 45.32 -67.71 -8.30
C TYR A 102 45.74 -68.74 -7.28
N LYS A 103 45.12 -68.67 -6.11
CA LYS A 103 45.49 -69.59 -5.04
C LYS A 103 45.29 -71.02 -5.46
N SER A 104 44.23 -71.26 -6.24
CA SER A 104 43.93 -72.63 -6.69
C SER A 104 44.95 -73.09 -7.73
N ASP A 105 45.27 -72.19 -8.67
CA ASP A 105 46.24 -72.51 -9.71
C ASP A 105 47.61 -72.83 -9.11
N VAL A 106 47.98 -72.06 -8.08
CA VAL A 106 49.27 -72.24 -7.41
C VAL A 106 49.25 -73.57 -6.66
N ALA A 107 48.14 -73.86 -5.95
CA ALA A 107 48.01 -75.15 -5.26
C ALA A 107 48.15 -76.30 -6.24
N ALA A 108 47.42 -76.21 -7.34
CA ALA A 108 47.46 -77.20 -8.40
C ALA A 108 48.88 -77.35 -8.91
N HIS A 109 49.56 -76.21 -9.11
CA HIS A 109 50.90 -76.23 -9.68
C HIS A 109 51.88 -76.98 -8.76
N GLU A 110 51.88 -76.63 -7.47
CA GLU A 110 52.78 -77.26 -6.52
C GLU A 110 52.54 -78.75 -6.38
N ALA A 111 51.28 -79.16 -6.49
CA ALA A 111 50.91 -80.55 -6.43
C ALA A 111 51.54 -81.30 -7.59
N GLU A 112 51.40 -80.72 -8.79
CA GLU A 112 52.03 -81.29 -9.97
C GLU A 112 53.54 -81.34 -9.76
N VAL A 113 54.11 -80.24 -9.31
CA VAL A 113 55.55 -80.16 -9.09
C VAL A 113 56.01 -81.28 -8.14
N ALA A 114 55.24 -81.52 -7.09
CA ALA A 114 55.55 -82.60 -6.14
C ALA A 114 55.53 -83.97 -6.81
N LYS A 115 54.64 -84.16 -7.78
CA LYS A 115 54.57 -85.42 -8.49
C LYS A 115 55.81 -85.56 -9.36
N ILE A 116 56.13 -84.49 -10.08
CA ILE A 116 57.28 -84.51 -10.97
C ILE A 116 58.56 -84.74 -10.17
N LYS A 117 58.72 -84.00 -9.08
CA LYS A 117 59.90 -84.12 -8.22
C LYS A 117 60.09 -85.54 -7.69
N ALA A 118 58.98 -86.19 -7.33
CA ALA A 118 59.03 -87.55 -6.84
C ALA A 118 59.42 -88.53 -7.96
N LYS A 119 59.05 -88.19 -9.20
CA LYS A 119 59.47 -89.00 -10.35
C LYS A 119 60.98 -88.84 -10.55
N ASN A 120 61.44 -87.59 -10.64
CA ASN A 120 62.85 -87.31 -10.84
C ASN A 120 63.68 -87.82 -9.67
N GLN A 121 63.03 -88.04 -8.54
CA GLN A 121 63.66 -88.71 -7.40
C GLN A 121 63.75 -90.20 -7.66
N GLN B 1 62.77 -84.91 -16.56
CA GLN B 1 61.57 -84.14 -16.89
C GLN B 1 61.62 -82.72 -16.32
N ASP B 2 61.36 -81.73 -17.17
CA ASP B 2 61.30 -80.34 -16.73
C ASP B 2 60.03 -80.06 -15.94
N LEU B 3 60.09 -79.11 -15.03
CA LEU B 3 58.93 -78.72 -14.23
C LEU B 3 57.98 -77.86 -15.06
N PRO B 4 56.68 -77.92 -14.76
CA PRO B 4 55.74 -77.02 -15.43
C PRO B 4 56.01 -75.57 -15.04
N THR B 5 55.62 -74.63 -15.89
CA THR B 5 55.80 -73.23 -15.57
C THR B 5 54.77 -72.84 -14.51
N PRO B 6 55.17 -72.03 -13.51
CA PRO B 6 54.21 -71.60 -12.48
C PRO B 6 53.11 -70.74 -13.09
N PRO B 7 51.95 -70.69 -12.43
CA PRO B 7 50.90 -69.82 -12.97
C PRO B 7 51.35 -68.37 -13.01
N SER B 8 51.00 -67.68 -14.07
CA SER B 8 51.29 -66.26 -14.20
C SER B 8 50.68 -65.48 -13.07
N VAL B 9 51.48 -64.60 -12.46
CA VAL B 9 50.97 -63.68 -11.47
C VAL B 9 49.97 -62.71 -12.12
N PRO B 10 48.72 -62.70 -11.65
CA PRO B 10 47.76 -61.78 -12.24
C PRO B 10 47.79 -60.41 -11.58
N THR B 11 47.18 -59.45 -12.25
CA THR B 11 47.05 -58.09 -11.74
C THR B 11 45.58 -57.75 -11.61
N VAL B 12 45.23 -57.06 -10.53
CA VAL B 12 43.92 -56.48 -10.37
C VAL B 12 44.06 -54.98 -10.15
N HIS B 13 43.01 -54.25 -10.55
CA HIS B 13 42.90 -52.81 -10.34
C HIS B 13 41.78 -52.51 -9.37
N PHE B 14 41.88 -51.38 -8.67
CA PHE B 14 40.73 -50.85 -7.94
C PHE B 14 40.77 -49.34 -7.92
N HIS B 15 39.63 -48.71 -7.71
CA HIS B 15 39.62 -47.29 -7.51
C HIS B 15 38.50 -46.88 -6.57
N TYR B 16 38.71 -45.72 -5.96
CA TYR B 16 37.71 -45.08 -5.13
C TYR B 16 36.95 -44.03 -5.92
N PHE B 17 35.84 -43.56 -5.38
CA PHE B 17 35.02 -42.50 -5.96
C PHE B 17 35.03 -41.24 -5.11
N LYS B 18 34.94 -40.08 -5.75
CA LYS B 18 34.66 -38.82 -5.08
C LYS B 18 33.26 -38.37 -5.45
N LEU B 19 32.58 -37.77 -4.49
CA LEU B 19 31.20 -37.30 -4.67
C LEU B 19 30.95 -36.09 -3.77
N ALA B 20 30.15 -35.14 -4.26
CA ALA B 20 29.87 -33.93 -3.50
C ALA B 20 28.47 -33.42 -3.81
N VAL B 21 27.96 -32.53 -2.96
CA VAL B 21 26.56 -32.12 -3.00
C VAL B 21 26.46 -30.62 -2.80
N GLN B 22 25.52 -30.01 -3.52
CA GLN B 22 25.24 -28.59 -3.38
C GLN B 22 23.76 -28.41 -3.00
N PRO B 23 23.45 -28.53 -1.70
CA PRO B 23 22.05 -28.40 -1.27
C PRO B 23 21.44 -27.05 -1.74
N GLN B 24 20.22 -27.10 -2.24
CA GLN B 24 19.56 -25.87 -2.70
C GLN B 24 18.97 -25.07 -1.56
N VAL B 25 18.71 -23.79 -1.83
CA VAL B 25 18.03 -22.94 -0.86
C VAL B 25 16.77 -22.34 -1.52
N ASN B 26 15.89 -21.76 -0.70
CA ASN B 26 14.67 -21.10 -1.17
C ASN B 26 14.23 -20.03 -0.16
N LYS B 27 14.18 -18.79 -0.62
CA LYS B 27 13.72 -17.70 0.22
C LYS B 27 12.23 -17.51 -0.02
N GLU B 28 11.45 -17.57 1.06
CA GLU B 28 10.01 -17.30 0.97
C GLU B 28 9.65 -16.00 1.65
N ILE B 29 8.59 -15.36 1.16
CA ILE B 29 8.15 -14.09 1.68
C ILE B 29 6.66 -14.21 1.99
N ARG B 30 6.30 -13.89 3.24
CA ARG B 30 4.95 -14.13 3.73
C ARG B 30 4.44 -12.94 4.53
N ASN B 31 3.12 -12.80 4.60
CA ASN B 31 2.53 -11.75 5.44
C ASN B 31 2.43 -12.24 6.88
N ASN B 32 1.81 -11.44 7.72
CA ASN B 32 1.76 -11.72 9.15
C ASN B 32 0.89 -12.92 9.50
N ASN B 33 0.11 -13.41 8.53
CA ASN B 33 -0.64 -14.66 8.71
C ASN B 33 -0.01 -15.83 7.96
N ASP B 34 1.26 -15.68 7.62
CA ASP B 34 2.06 -16.69 6.92
C ASP B 34 1.54 -17.07 5.52
N ILE B 35 0.82 -16.14 4.91
CA ILE B 35 0.37 -16.28 3.53
C ILE B 35 1.48 -15.85 2.57
N ASN B 36 1.76 -16.68 1.56
CA ASN B 36 2.76 -16.35 0.54
C ASN B 36 2.38 -15.07 -0.19
N ILE B 37 3.29 -14.09 -0.26
CA ILE B 37 2.96 -12.81 -0.92
C ILE B 37 3.94 -12.43 -2.03
N ASP B 38 4.74 -13.40 -2.46
CA ASP B 38 5.72 -13.17 -3.53
C ASP B 38 5.10 -12.60 -4.80
N ARG B 39 5.64 -11.47 -5.25
CA ARG B 39 5.13 -10.76 -6.42
C ARG B 39 3.66 -10.30 -6.26
N THR B 40 3.21 -10.04 -5.04
CA THR B 40 1.87 -9.47 -4.90
C THR B 40 1.96 -8.06 -4.26
N LEU B 41 1.06 -7.80 -3.33
CA LEU B 41 0.79 -6.45 -2.87
C LEU B 41 0.33 -6.49 -1.43
N VAL B 42 0.86 -5.61 -0.59
CA VAL B 42 0.45 -5.50 0.81
C VAL B 42 0.55 -4.04 1.21
N ALA B 43 -0.21 -3.67 2.23
CA ALA B 43 -0.28 -2.29 2.66
C ALA B 43 0.99 -1.80 3.33
N LYS B 44 1.25 -0.50 3.20
CA LYS B 44 2.27 0.17 3.98
C LYS B 44 2.00 -0.10 5.47
N GLN B 45 3.08 -0.44 6.17
CA GLN B 45 3.19 -0.87 7.57
C GLN B 45 2.98 -2.38 7.78
N SER B 46 2.70 -3.13 6.73
CA SER B 46 2.57 -4.57 6.84
C SER B 46 3.82 -5.20 7.43
N VAL B 47 3.62 -6.16 8.34
CA VAL B 47 4.70 -7.06 8.73
C VAL B 47 4.99 -7.96 7.54
N VAL B 48 6.26 -8.03 7.17
CA VAL B 48 6.68 -8.91 6.11
C VAL B 48 7.74 -9.85 6.70
N LYS B 49 7.56 -11.14 6.43
CA LYS B 49 8.41 -12.18 6.97
C LYS B 49 9.25 -12.80 5.86
N PHE B 50 10.53 -13.00 6.14
CA PHE B 50 11.46 -13.64 5.19
C PHE B 50 11.96 -14.96 5.77
N GLN B 51 11.56 -16.07 5.16
CA GLN B 51 11.99 -17.37 5.62
C GLN B 51 13.14 -17.85 4.74
N LEU B 52 14.29 -18.12 5.35
CA LEU B 52 15.49 -18.47 4.59
C LEU B 52 15.72 -19.98 4.68
N LYS B 53 15.13 -20.70 3.73
CA LYS B 53 15.06 -22.15 3.84
C LYS B 53 16.16 -22.87 3.06
N THR B 54 16.54 -24.01 3.59
CA THR B 54 17.62 -24.86 3.03
C THR B 54 17.14 -26.29 2.87
N ALA B 55 17.44 -26.90 1.72
CA ALA B 55 17.16 -28.30 1.47
C ALA B 55 17.96 -29.26 2.40
N ASP B 56 17.62 -30.53 2.42
CA ASP B 56 18.28 -31.47 3.32
C ASP B 56 19.80 -31.57 3.10
N LEU B 57 20.54 -31.71 4.19
CA LEU B 57 21.95 -32.07 4.11
C LEU B 57 22.08 -33.56 3.83
N PRO B 58 23.05 -33.95 2.99
CA PRO B 58 23.13 -35.32 2.52
C PRO B 58 23.77 -36.31 3.48
N ALA B 59 23.27 -37.54 3.46
CA ALA B 59 23.96 -38.66 4.06
C ALA B 59 25.41 -38.71 3.57
N GLY B 60 26.30 -39.15 4.45
CA GLY B 60 27.69 -39.34 4.10
C GLY B 60 28.51 -38.06 4.21
N ARG B 61 27.85 -36.95 4.54
CA ARG B 61 28.52 -35.67 4.80
C ARG B 61 29.49 -35.75 5.98
N ASP B 62 30.46 -34.83 6.03
CA ASP B 62 31.26 -34.60 7.23
C ASP B 62 30.44 -33.83 8.25
N GLU B 63 30.94 -33.75 9.47
CA GLU B 63 30.24 -32.95 10.47
C GLU B 63 30.16 -31.48 10.01
N THR B 64 29.04 -30.85 10.31
CA THR B 64 28.85 -29.45 9.94
C THR B 64 29.42 -28.59 11.07
N THR B 65 30.33 -27.69 10.73
CA THR B 65 31.01 -26.92 11.74
C THR B 65 30.47 -25.50 11.79
N SER B 66 29.86 -25.06 10.71
CA SER B 66 29.14 -23.80 10.74
C SER B 66 28.06 -23.82 9.67
N PHE B 67 26.99 -23.09 9.95
CA PHE B 67 25.84 -23.01 9.08
C PHE B 67 25.30 -21.59 9.19
N VAL B 68 25.60 -20.77 8.18
CA VAL B 68 25.46 -19.33 8.29
C VAL B 68 24.61 -18.77 7.13
N LEU B 69 23.68 -17.89 7.49
CA LEU B 69 22.78 -17.26 6.52
C LEU B 69 22.92 -15.75 6.66
N VAL B 70 23.17 -15.10 5.54
CA VAL B 70 23.39 -13.66 5.49
C VAL B 70 22.36 -13.06 4.53
N ASP B 71 21.65 -12.04 5.00
CA ASP B 71 20.56 -11.49 4.26
C ASP B 71 20.67 -9.96 4.19
N PRO B 72 21.15 -9.43 3.06
CA PRO B 72 21.07 -7.97 2.85
C PRO B 72 19.63 -7.56 2.56
N LEU B 73 19.03 -6.87 3.52
CA LEU B 73 17.61 -6.57 3.47
C LEU B 73 17.30 -5.33 2.64
N PRO B 74 16.04 -5.21 2.21
CA PRO B 74 15.72 -4.08 1.34
C PRO B 74 15.59 -2.76 2.10
N SER B 75 15.82 -1.68 1.37
CA SER B 75 15.66 -0.35 1.92
C SER B 75 14.15 -0.14 2.15
N GLY B 76 13.80 0.51 3.26
CA GLY B 76 12.42 0.78 3.61
C GLY B 76 11.79 -0.38 4.38
N TYR B 77 12.54 -1.47 4.52
CA TYR B 77 12.11 -2.62 5.31
C TYR B 77 12.79 -2.47 6.66
N GLN B 78 11.98 -2.19 7.67
CA GLN B 78 12.49 -2.00 9.04
C GLN B 78 12.62 -3.32 9.80
N PHE B 79 13.87 -3.74 9.99
CA PHE B 79 14.21 -4.93 10.76
C PHE B 79 13.70 -4.89 12.20
N ASN B 80 13.05 -5.98 12.63
CA ASN B 80 12.58 -6.13 14.02
C ASN B 80 13.45 -7.19 14.73
N PRO B 81 14.39 -6.75 15.57
CA PRO B 81 15.35 -7.72 16.13
C PRO B 81 14.70 -8.74 17.07
N GLU B 82 13.82 -8.25 17.92
CA GLU B 82 13.23 -9.10 18.96
C GLU B 82 12.27 -10.12 18.34
N ALA B 83 11.41 -9.68 17.40
CA ALA B 83 10.50 -10.61 16.73
C ALA B 83 11.29 -11.60 15.86
N THR B 84 12.32 -11.10 15.18
CA THR B 84 13.21 -11.98 14.43
C THR B 84 13.86 -13.04 15.32
N LYS B 85 14.44 -12.63 16.43
CA LYS B 85 15.04 -13.61 17.34
C LYS B 85 14.00 -14.63 17.80
N ALA B 86 12.80 -14.14 18.13
CA ALA B 86 11.75 -15.00 18.65
C ALA B 86 11.32 -15.99 17.59
N ALA B 87 11.36 -15.58 16.34
CA ALA B 87 10.93 -16.42 15.24
C ALA B 87 12.03 -17.36 14.73
N SER B 88 13.25 -17.22 15.27
CA SER B 88 14.40 -17.94 14.72
C SER B 88 15.16 -18.74 15.78
N PRO B 89 14.45 -19.59 16.53
CA PRO B 89 15.18 -20.45 17.48
C PRO B 89 16.17 -21.36 16.77
N GLY B 90 17.32 -21.59 17.41
CA GLY B 90 18.38 -22.40 16.84
C GLY B 90 19.45 -21.61 16.09
N PHE B 91 19.22 -20.29 15.99
CA PHE B 91 20.14 -19.38 15.32
C PHE B 91 20.49 -18.24 16.25
N ASP B 92 21.76 -17.86 16.23
CA ASP B 92 22.18 -16.56 16.79
C ASP B 92 21.99 -15.46 15.76
N VAL B 93 21.38 -14.37 16.15
CA VAL B 93 21.06 -13.28 15.23
C VAL B 93 21.94 -12.07 15.47
N THR B 94 22.52 -11.54 14.39
CA THR B 94 23.26 -10.29 14.48
C THR B 94 22.88 -9.43 13.30
N TYR B 95 23.16 -8.13 13.40
CA TYR B 95 22.67 -7.18 12.43
C TYR B 95 23.60 -6.01 12.20
N ASP B 96 23.90 -5.72 10.94
CA ASP B 96 24.73 -4.58 10.60
C ASP B 96 23.90 -3.41 10.10
N ASN B 97 23.87 -2.34 10.87
CA ASN B 97 23.01 -1.21 10.54
C ASN B 97 23.53 -0.52 9.27
N ALA B 98 24.85 -0.42 9.15
CA ALA B 98 25.51 0.19 8.01
C ALA B 98 25.06 -0.39 6.67
N THR B 99 24.94 -1.72 6.61
CA THR B 99 24.59 -2.41 5.36
C THR B 99 23.20 -3.03 5.41
N ASN B 100 22.46 -2.76 6.48
CA ASN B 100 21.10 -3.28 6.65
C ASN B 100 21.05 -4.79 6.39
N THR B 101 21.98 -5.51 7.01
CA THR B 101 22.16 -6.93 6.77
C THR B 101 22.03 -7.72 8.06
N VAL B 102 21.20 -8.74 8.04
CA VAL B 102 21.04 -9.63 9.18
C VAL B 102 21.79 -10.95 8.88
N THR B 103 22.51 -11.43 9.90
CA THR B 103 23.21 -12.69 9.84
C THR B 103 22.68 -13.68 10.89
N PHE B 104 22.38 -14.89 10.43
CA PHE B 104 21.99 -15.98 11.29
C PHE B 104 23.09 -17.02 11.32
N LYS B 105 23.48 -17.43 12.53
CA LYS B 105 24.43 -18.54 12.68
C LYS B 105 23.82 -19.66 13.49
N ALA B 106 23.80 -20.86 12.94
CA ALA B 106 23.29 -22.01 13.68
C ALA B 106 24.06 -22.17 14.98
N THR B 107 23.34 -22.32 16.08
CA THR B 107 23.94 -22.55 17.38
C THR B 107 24.60 -23.91 17.44
N ALA B 108 25.37 -24.15 18.50
CA ALA B 108 26.02 -25.45 18.70
C ALA B 108 24.97 -26.54 18.78
N ALA B 109 23.89 -26.24 19.49
CA ALA B 109 22.74 -27.14 19.56
C ALA B 109 22.25 -27.51 18.16
N THR B 110 22.01 -26.52 17.31
CA THR B 110 21.49 -26.80 15.97
C THR B 110 22.48 -27.68 15.21
N LEU B 111 23.76 -27.36 15.32
CA LEU B 111 24.76 -28.15 14.63
C LEU B 111 24.78 -29.58 15.12
N ALA B 112 24.53 -29.78 16.41
CA ALA B 112 24.54 -31.11 16.99
C ALA B 112 23.41 -31.94 16.39
N THR B 113 22.28 -31.30 16.14
CA THR B 113 21.17 -31.98 15.48
C THR B 113 21.56 -32.42 14.06
N PHE B 114 22.25 -31.54 13.34
CA PHE B 114 22.71 -31.82 11.99
C PHE B 114 23.77 -32.93 11.99
N ASN B 115 24.47 -33.05 13.11
CA ASN B 115 25.62 -33.96 13.17
C ASN B 115 25.30 -35.30 13.82
N ALA B 116 24.07 -35.46 14.31
CA ALA B 116 23.71 -36.62 15.13
C ALA B 116 23.89 -37.95 14.39
N ASP B 117 23.45 -37.97 13.13
CA ASP B 117 23.56 -39.16 12.30
C ASP B 117 24.02 -38.78 10.87
N LEU B 118 25.33 -38.85 10.67
CA LEU B 118 25.95 -38.48 9.41
C LEU B 118 25.65 -39.51 8.33
N THR B 119 25.09 -40.66 8.71
CA THR B 119 24.86 -41.72 7.76
C THR B 119 23.52 -41.59 7.03
N LYS B 120 22.71 -40.62 7.47
CA LYS B 120 21.39 -40.38 6.87
C LYS B 120 21.28 -38.92 6.55
N SER B 121 20.51 -38.60 5.52
CA SER B 121 20.20 -37.21 5.23
C SER B 121 19.48 -36.62 6.47
N VAL B 122 19.58 -35.30 6.65
CA VAL B 122 18.91 -34.60 7.76
C VAL B 122 18.26 -33.31 7.25
N ALA B 123 17.07 -33.02 7.74
CA ALA B 123 16.37 -31.79 7.41
C ALA B 123 16.98 -30.63 8.19
N THR B 124 17.11 -29.48 7.56
CA THR B 124 17.56 -28.27 8.26
C THR B 124 16.41 -27.56 8.97
N ILE B 125 16.75 -26.52 9.72
CA ILE B 125 15.77 -25.58 10.24
C ILE B 125 16.09 -24.25 9.59
N TYR B 126 15.17 -23.30 9.69
CA TYR B 126 15.37 -22.02 9.04
C TYR B 126 15.08 -20.84 9.97
N PRO B 127 15.78 -19.73 9.76
CA PRO B 127 15.45 -18.50 10.46
C PRO B 127 14.37 -17.74 9.66
N THR B 128 13.75 -16.80 10.31
CA THR B 128 12.70 -15.94 9.73
C THR B 128 13.02 -14.51 10.10
N VAL B 129 13.26 -13.66 9.10
CA VAL B 129 13.44 -12.24 9.38
C VAL B 129 12.04 -11.65 9.57
N VAL B 130 11.85 -10.87 10.63
CA VAL B 130 10.58 -10.12 10.81
C VAL B 130 10.84 -8.63 10.71
N GLY B 131 9.99 -7.93 9.97
CA GLY B 131 10.06 -6.48 9.90
C GLY B 131 8.83 -5.88 9.25
N GLN B 132 8.84 -4.58 9.04
CA GLN B 132 7.71 -3.85 8.46
C GLN B 132 8.15 -3.04 7.26
N VAL B 133 7.30 -2.98 6.25
CA VAL B 133 7.54 -2.12 5.08
C VAL B 133 6.94 -0.74 5.35
N LEU B 134 7.72 0.29 5.06
CA LEU B 134 7.44 1.64 5.53
C LEU B 134 7.10 2.71 4.46
N ASN B 135 7.01 2.33 3.19
CA ASN B 135 6.92 3.30 2.10
C ASN B 135 5.77 2.97 1.18
N ASP B 136 5.14 4.01 0.61
CA ASP B 136 4.18 3.83 -0.47
C ASP B 136 4.90 3.59 -1.79
N GLY B 137 4.25 2.85 -2.69
CA GLY B 137 4.74 2.70 -4.05
C GLY B 137 6.12 2.07 -4.16
N ALA B 138 6.45 1.18 -3.25
CA ALA B 138 7.80 0.63 -3.15
C ALA B 138 7.82 -0.87 -3.41
N THR B 139 8.92 -1.35 -3.96
CA THR B 139 9.12 -2.76 -4.22
C THR B 139 10.28 -3.22 -3.35
N TYR B 140 10.02 -4.26 -2.59
CA TYR B 140 10.98 -4.78 -1.62
C TYR B 140 11.45 -6.15 -2.08
N LYS B 141 12.69 -6.20 -2.59
CA LYS B 141 13.29 -7.44 -3.07
C LYS B 141 14.24 -8.02 -2.04
N ASN B 142 14.42 -9.32 -2.04
CA ASN B 142 15.30 -9.94 -1.07
C ASN B 142 15.77 -11.32 -1.47
N ASN B 143 17.03 -11.60 -1.18
CA ASN B 143 17.57 -12.94 -1.26
C ASN B 143 18.60 -13.12 -0.17
N PHE B 144 19.16 -14.32 -0.05
CA PHE B 144 20.17 -14.54 0.98
C PHE B 144 21.25 -15.51 0.51
N THR B 145 22.35 -15.50 1.26
CA THR B 145 23.48 -16.40 1.05
C THR B 145 23.57 -17.39 2.17
N LEU B 146 23.63 -18.68 1.82
CA LEU B 146 23.96 -19.75 2.77
C LEU B 146 25.43 -20.14 2.62
N THR B 147 26.14 -20.27 3.74
CA THR B 147 27.52 -20.78 3.73
C THR B 147 27.62 -21.91 4.75
N VAL B 148 28.10 -23.07 4.30
CA VAL B 148 28.25 -24.23 5.16
C VAL B 148 29.73 -24.57 5.27
N ASN B 149 30.19 -24.77 6.49
CA ASN B 149 31.57 -25.09 6.80
C ASN B 149 32.57 -24.15 6.16
N ASP B 150 32.16 -22.93 5.84
CA ASP B 150 33.04 -22.03 5.10
C ASP B 150 33.61 -22.69 3.83
N ALA B 151 32.91 -23.68 3.29
CA ALA B 151 33.41 -24.44 2.13
C ALA B 151 32.39 -24.57 1.00
N TYR B 152 31.14 -24.27 1.29
CA TYR B 152 30.07 -24.34 0.31
C TYR B 152 29.26 -23.09 0.48
N GLY B 153 28.97 -22.39 -0.63
CA GLY B 153 28.16 -21.18 -0.57
C GLY B 153 27.15 -21.16 -1.69
N ILE B 154 25.95 -20.65 -1.44
CA ILE B 154 24.98 -20.53 -2.49
C ILE B 154 24.04 -19.32 -2.20
N LYS B 155 23.63 -18.62 -3.26
CA LYS B 155 22.70 -17.50 -3.13
C LYS B 155 21.33 -17.89 -3.62
N SER B 156 20.31 -17.47 -2.88
CA SER B 156 18.95 -17.86 -3.16
C SER B 156 18.31 -17.05 -4.28
N ASN B 157 17.17 -17.58 -4.73
CA ASN B 157 16.18 -16.86 -5.50
C ASN B 157 15.82 -15.50 -4.88
N VAL B 158 15.32 -14.59 -5.72
CA VAL B 158 14.96 -13.25 -5.29
C VAL B 158 13.42 -13.21 -5.17
N VAL B 159 12.95 -12.93 -3.96
CA VAL B 159 11.52 -12.76 -3.72
C VAL B 159 11.20 -11.27 -3.69
N ARG B 160 9.93 -10.90 -3.80
CA ARG B 160 9.56 -9.50 -3.68
C ARG B 160 8.11 -9.29 -3.29
N VAL B 161 7.82 -8.11 -2.75
CA VAL B 161 6.46 -7.61 -2.64
C VAL B 161 6.45 -6.10 -2.83
N THR B 162 5.30 -5.58 -3.22
CA THR B 162 5.16 -4.17 -3.57
C THR B 162 4.06 -3.53 -2.69
N THR B 163 4.20 -2.25 -2.36
CA THR B 163 3.14 -1.52 -1.69
C THR B 163 2.30 -0.71 -2.68
N PRO B 164 1.03 -0.46 -2.34
CA PRO B 164 0.18 0.37 -3.23
C PRO B 164 0.80 1.74 -3.45
N GLY B 165 0.59 2.36 -4.60
CA GLY B 165 1.04 3.72 -4.79
C GLY B 165 2.09 3.86 -5.85
N LYS B 166 2.22 2.82 -6.66
CA LYS B 166 3.21 2.70 -7.73
C LYS B 166 2.46 2.48 -9.04
N PRO B 167 2.55 3.43 -10.01
CA PRO B 167 2.02 3.08 -11.32
C PRO B 167 3.00 2.21 -12.12
N ASN B 168 2.56 1.71 -13.26
CA ASN B 168 3.40 0.83 -14.08
C ASN B 168 4.05 -0.30 -13.28
N ASP B 169 3.27 -0.87 -12.38
CA ASP B 169 3.70 -1.99 -11.55
C ASP B 169 3.51 -3.28 -12.34
N PRO B 170 4.61 -3.94 -12.77
CA PRO B 170 4.41 -5.14 -13.58
C PRO B 170 3.81 -6.31 -12.82
N ASP B 171 3.89 -6.32 -11.49
CA ASP B 171 3.26 -7.39 -10.71
C ASP B 171 1.77 -7.16 -10.47
N ASN B 172 1.36 -5.88 -10.45
CA ASN B 172 0.03 -5.49 -10.03
C ASN B 172 -0.54 -4.45 -11.01
N PRO B 173 -1.19 -4.92 -12.08
CA PRO B 173 -1.63 -4.03 -13.16
C PRO B 173 -2.61 -2.95 -12.77
N ASN B 174 -3.28 -3.05 -11.62
CA ASN B 174 -4.17 -1.97 -11.18
C ASN B 174 -3.50 -1.00 -10.24
N ASN B 175 -2.25 -1.24 -9.89
CA ASN B 175 -1.56 -0.33 -8.98
C ASN B 175 -1.37 1.03 -9.66
N ASN B 176 -1.57 2.09 -8.88
CA ASN B 176 -1.33 3.46 -9.32
C ASN B 176 -1.32 4.33 -8.07
N TYR B 177 -1.39 5.65 -8.23
CA TYR B 177 -1.28 6.54 -7.07
C TYR B 177 -2.54 6.53 -6.20
N ILE B 178 -2.32 6.70 -4.89
CA ILE B 178 -3.36 6.84 -3.89
C ILE B 178 -3.63 8.34 -3.80
N LYS B 179 -4.69 8.80 -4.45
CA LYS B 179 -4.94 10.24 -4.54
C LYS B 179 -6.42 10.57 -4.27
N PRO B 180 -6.80 10.76 -3.00
CA PRO B 180 -8.14 11.23 -2.67
C PRO B 180 -8.42 12.58 -3.35
N THR B 181 -9.67 12.79 -3.77
CA THR B 181 -10.05 13.99 -4.52
C THR B 181 -11.19 14.70 -3.82
N LYS B 182 -11.15 16.04 -3.86
CA LYS B 182 -12.25 16.84 -3.38
C LYS B 182 -12.63 17.86 -4.45
N VAL B 183 -13.93 17.98 -4.72
CA VAL B 183 -14.40 18.97 -5.69
C VAL B 183 -15.66 19.55 -5.12
N ASN B 184 -15.88 20.83 -5.40
CA ASN B 184 -17.12 21.47 -4.93
C ASN B 184 -18.04 21.61 -6.14
N LYS B 185 -19.32 21.22 -5.97
CA LYS B 185 -20.32 21.30 -7.03
C LYS B 185 -21.61 21.99 -6.54
N ASN B 186 -22.33 22.64 -7.45
CA ASN B 186 -23.64 23.22 -7.09
C ASN B 186 -24.71 22.14 -7.25
N GLU B 187 -25.97 22.51 -7.11
CA GLU B 187 -27.03 21.50 -7.04
C GLU B 187 -27.18 20.82 -8.37
N ASN B 188 -26.84 21.51 -9.46
CA ASN B 188 -26.93 20.90 -10.78
C ASN B 188 -25.67 20.17 -11.21
N GLY B 189 -24.70 20.04 -10.30
CA GLY B 189 -23.52 19.25 -10.56
C GLY B 189 -22.38 19.96 -11.31
N VAL B 190 -22.52 21.27 -11.52
CA VAL B 190 -21.44 22.08 -12.09
C VAL B 190 -20.34 22.31 -11.05
N VAL B 191 -19.08 22.19 -11.50
CA VAL B 191 -17.95 22.43 -10.61
C VAL B 191 -17.86 23.91 -10.26
N ILE B 192 -17.81 24.20 -8.98
CA ILE B 192 -17.84 25.59 -8.54
C ILE B 192 -16.61 25.99 -7.72
N ASP B 193 -15.57 25.16 -7.75
CA ASP B 193 -14.29 25.53 -7.13
C ASP B 193 -13.89 26.94 -7.52
N GLY B 194 -13.54 27.77 -6.56
CA GLY B 194 -12.99 29.07 -6.85
C GLY B 194 -14.08 30.11 -7.07
N LYS B 195 -15.31 29.67 -7.26
CA LYS B 195 -16.40 30.62 -7.53
C LYS B 195 -16.88 31.36 -6.28
N THR B 196 -17.54 32.50 -6.51
CA THR B 196 -18.27 33.19 -5.45
C THR B 196 -19.49 32.39 -5.09
N VAL B 197 -19.74 32.30 -3.78
CA VAL B 197 -20.85 31.50 -3.26
C VAL B 197 -21.62 32.38 -2.30
N LEU B 198 -22.92 32.57 -2.55
CA LEU B 198 -23.73 33.44 -1.72
C LEU B 198 -24.03 32.81 -0.38
N ALA B 199 -24.08 33.65 0.64
CA ALA B 199 -24.51 33.16 1.94
C ALA B 199 -25.87 32.46 1.81
N GLY B 200 -26.04 31.34 2.51
CA GLY B 200 -27.25 30.52 2.42
C GLY B 200 -27.23 29.47 1.30
N SER B 201 -26.29 29.57 0.36
CA SER B 201 -26.10 28.52 -0.64
C SER B 201 -25.46 27.24 -0.08
N THR B 202 -25.69 26.13 -0.77
CA THR B 202 -25.12 24.84 -0.42
C THR B 202 -23.94 24.47 -1.35
N ASN B 203 -22.85 24.07 -0.70
CA ASN B 203 -21.70 23.45 -1.35
C ASN B 203 -21.95 21.93 -1.38
N TYR B 204 -22.12 21.34 -2.55
CA TYR B 204 -22.32 19.92 -2.61
C TYR B 204 -20.94 19.26 -2.80
N TYR B 205 -20.13 19.36 -1.76
CA TYR B 205 -18.79 18.78 -1.80
C TYR B 205 -18.85 17.30 -2.16
N GLU B 206 -18.01 16.93 -3.12
CA GLU B 206 -17.86 15.56 -3.56
C GLU B 206 -16.44 15.06 -3.27
N LEU B 207 -16.36 13.97 -2.52
CA LEU B 207 -15.09 13.40 -2.02
C LEU B 207 -14.90 12.04 -2.64
N THR B 208 -13.75 11.80 -3.24
CA THR B 208 -13.46 10.49 -3.79
C THR B 208 -12.54 9.72 -2.84
N TRP B 209 -12.97 8.50 -2.54
CA TRP B 209 -12.21 7.56 -1.75
C TRP B 209 -11.49 6.69 -2.77
N ASP B 210 -10.18 6.89 -2.94
CA ASP B 210 -9.45 6.28 -4.05
C ASP B 210 -8.93 4.90 -3.60
N LEU B 211 -9.63 3.86 -4.04
CA LEU B 211 -9.36 2.48 -3.66
C LEU B 211 -8.85 1.60 -4.82
N ASP B 212 -8.77 2.12 -6.05
CA ASP B 212 -8.58 1.21 -7.19
C ASP B 212 -7.18 0.50 -7.09
N GLN B 213 -6.17 1.17 -6.61
CA GLN B 213 -4.82 0.57 -6.52
C GLN B 213 -4.70 -0.59 -5.53
N TYR B 214 -5.68 -0.75 -4.65
CA TYR B 214 -5.65 -1.79 -3.64
C TYR B 214 -6.17 -3.12 -4.13
N LYS B 215 -6.63 -3.15 -5.37
CA LYS B 215 -7.16 -4.40 -5.91
C LYS B 215 -6.13 -5.55 -5.79
N ASN B 216 -6.61 -6.70 -5.33
CA ASN B 216 -5.81 -7.92 -5.08
C ASN B 216 -4.75 -7.77 -3.99
N ASP B 217 -4.93 -6.81 -3.10
CA ASP B 217 -4.15 -6.70 -1.88
C ASP B 217 -4.13 -8.01 -1.11
N ARG B 218 -3.02 -8.29 -0.44
CA ARG B 218 -2.90 -9.50 0.34
C ARG B 218 -2.44 -9.22 1.76
N SER B 219 -2.87 -8.10 2.32
CA SER B 219 -2.53 -7.76 3.70
C SER B 219 -3.11 -8.73 4.73
N SER B 220 -2.46 -8.74 5.90
CA SER B 220 -2.84 -9.62 6.98
C SER B 220 -4.05 -9.06 7.73
N ALA B 221 -4.64 -9.88 8.58
CA ALA B 221 -5.88 -9.52 9.26
C ALA B 221 -5.65 -8.35 10.23
N ASP B 222 -4.49 -8.31 10.86
CA ASP B 222 -4.19 -7.24 11.82
C ASP B 222 -4.10 -5.90 11.08
N THR B 223 -3.59 -5.94 9.85
CA THR B 223 -3.43 -4.72 9.06
C THR B 223 -4.84 -4.23 8.63
N ILE B 224 -5.67 -5.15 8.17
CA ILE B 224 -7.01 -4.83 7.72
C ILE B 224 -7.84 -4.26 8.88
N GLN B 225 -7.60 -4.77 10.09
CA GLN B 225 -8.35 -4.35 11.25
C GLN B 225 -8.02 -2.91 11.69
N LYS B 226 -6.99 -2.32 11.10
CA LYS B 226 -6.72 -0.93 11.40
C LYS B 226 -7.80 -0.03 10.78
N GLY B 227 -8.63 -0.62 9.92
CA GLY B 227 -9.84 0.04 9.46
C GLY B 227 -9.71 1.05 8.33
N PHE B 228 -10.84 1.69 8.07
CA PHE B 228 -10.99 2.54 6.91
C PHE B 228 -11.89 3.69 7.32
N TYR B 229 -11.33 4.90 7.18
CA TYR B 229 -12.00 6.12 7.56
C TYR B 229 -11.82 7.16 6.49
N TYR B 230 -12.74 8.11 6.47
CA TYR B 230 -12.59 9.28 5.59
C TYR B 230 -12.95 10.51 6.40
N VAL B 231 -12.14 11.54 6.26
CA VAL B 231 -12.26 12.74 7.07
C VAL B 231 -12.54 13.94 6.19
N ASP B 232 -13.51 14.77 6.59
CA ASP B 232 -13.64 16.07 5.95
C ASP B 232 -13.41 17.14 7.01
N ASP B 233 -12.32 17.85 6.86
CA ASP B 233 -11.98 18.90 7.79
C ASP B 233 -12.66 20.16 7.20
N TYR B 234 -13.91 20.39 7.60
CA TYR B 234 -14.66 21.47 7.00
C TYR B 234 -14.44 22.79 7.69
N PRO B 235 -14.59 23.90 6.95
CA PRO B 235 -14.40 25.21 7.57
C PRO B 235 -15.63 25.66 8.42
N GLU B 236 -15.64 25.28 9.70
CA GLU B 236 -16.83 25.48 10.53
C GLU B 236 -17.13 26.95 10.82
N GLU B 237 -16.17 27.82 10.56
CA GLU B 237 -16.38 29.24 10.80
C GLU B 237 -17.29 29.80 9.70
N ALA B 238 -17.35 29.11 8.56
CA ALA B 238 -18.08 29.59 7.39
C ALA B 238 -19.30 28.75 7.05
N LEU B 239 -19.23 27.46 7.34
CA LEU B 239 -20.21 26.50 6.87
C LEU B 239 -20.87 25.70 7.98
N GLU B 240 -22.11 25.29 7.73
CA GLU B 240 -22.83 24.37 8.59
C GLU B 240 -23.14 23.13 7.78
N LEU B 241 -23.01 21.97 8.41
CA LEU B 241 -23.28 20.69 7.76
C LEU B 241 -24.77 20.45 7.46
N ARG B 242 -25.04 19.79 6.35
CA ARG B 242 -26.35 19.20 6.14
C ARG B 242 -26.10 17.72 6.01
N GLN B 243 -25.78 17.12 7.15
CA GLN B 243 -25.35 15.74 7.15
C GLN B 243 -26.50 14.82 6.78
N ASP B 244 -27.72 15.29 6.92
CA ASP B 244 -28.86 14.49 6.52
C ASP B 244 -28.90 14.27 5.01
N LEU B 245 -28.18 15.10 4.26
CA LEU B 245 -28.14 15.00 2.80
C LEU B 245 -26.92 14.20 2.28
N VAL B 246 -26.13 13.63 3.20
CA VAL B 246 -24.97 12.85 2.79
C VAL B 246 -25.41 11.68 1.92
N LYS B 247 -24.66 11.41 0.86
CA LYS B 247 -24.92 10.21 0.03
C LYS B 247 -23.59 9.55 -0.26
N ILE B 248 -23.58 8.22 -0.21
CA ILE B 248 -22.33 7.48 -0.46
C ILE B 248 -22.61 6.39 -1.48
N THR B 249 -21.91 6.45 -2.61
CA THR B 249 -22.14 5.53 -3.71
C THR B 249 -20.80 4.97 -4.14
N ASP B 250 -20.80 3.82 -4.80
CA ASP B 250 -19.55 3.22 -5.23
C ASP B 250 -19.38 3.44 -6.73
N ALA B 251 -18.28 2.94 -7.28
CA ALA B 251 -17.92 3.25 -8.65
C ALA B 251 -18.81 2.55 -9.64
N ASN B 252 -19.59 1.57 -9.19
CA ASN B 252 -20.60 0.94 -10.03
C ASN B 252 -21.96 1.61 -9.91
N GLY B 253 -22.03 2.70 -9.16
CA GLY B 253 -23.29 3.44 -9.05
C GLY B 253 -24.18 2.89 -7.95
N ASN B 254 -23.67 1.95 -7.15
CA ASN B 254 -24.49 1.34 -6.10
C ASN B 254 -24.32 2.07 -4.81
N GLU B 255 -25.41 2.16 -4.05
CA GLU B 255 -25.35 2.77 -2.73
C GLU B 255 -24.45 1.92 -1.84
N VAL B 256 -23.73 2.60 -0.96
CA VAL B 256 -22.81 1.99 -0.03
C VAL B 256 -23.49 1.81 1.32
N THR B 257 -23.37 0.64 1.92
CA THR B 257 -23.75 0.51 3.32
C THR B 257 -22.52 0.12 4.16
N GLY B 258 -22.71 0.16 5.47
CA GLY B 258 -21.65 -0.17 6.39
C GLY B 258 -20.70 0.99 6.62
N VAL B 259 -21.01 2.19 6.10
CA VAL B 259 -20.21 3.38 6.44
C VAL B 259 -21.07 4.38 7.24
N SER B 260 -20.65 4.69 8.46
CA SER B 260 -21.41 5.59 9.32
C SER B 260 -20.79 6.95 9.24
N VAL B 261 -21.50 7.98 9.65
CA VAL B 261 -20.97 9.33 9.58
C VAL B 261 -21.20 10.02 10.92
N ASP B 262 -20.21 10.79 11.35
CA ASP B 262 -20.31 11.57 12.56
C ASP B 262 -19.60 12.87 12.37
N ASN B 263 -19.93 13.88 13.17
CA ASN B 263 -19.09 15.08 13.21
C ASN B 263 -18.83 15.50 14.64
N TYR B 264 -17.72 16.20 14.84
CA TYR B 264 -17.22 16.50 16.16
C TYR B 264 -16.78 17.94 16.17
N THR B 265 -17.05 18.63 17.27
CA THR B 265 -16.67 20.03 17.41
C THR B 265 -15.18 20.21 17.34
N ASN B 266 -14.45 19.24 17.89
CA ASN B 266 -13.00 19.25 17.78
C ASN B 266 -12.46 17.89 18.20
N LEU B 267 -11.16 17.71 18.10
CA LEU B 267 -10.53 16.41 18.42
C LEU B 267 -10.89 15.94 19.81
N GLU B 268 -10.99 16.88 20.72
CA GLU B 268 -11.15 16.55 22.13
C GLU B 268 -12.55 15.98 22.37
N ALA B 269 -13.50 16.39 21.56
CA ALA B 269 -14.86 15.90 21.70
C ALA B 269 -15.02 14.52 21.09
N ALA B 270 -14.05 14.11 20.28
CA ALA B 270 -14.18 12.86 19.57
C ALA B 270 -13.83 11.67 20.48
N PRO B 271 -14.37 10.48 20.19
CA PRO B 271 -14.00 9.32 21.01
C PRO B 271 -12.52 8.98 20.87
N GLN B 272 -12.02 8.16 21.79
CA GLN B 272 -10.60 7.85 21.84
C GLN B 272 -10.10 7.14 20.59
N GLU B 273 -10.91 6.22 20.08
CA GLU B 273 -10.60 5.50 18.86
C GLU B 273 -10.30 6.47 17.72
N ILE B 274 -11.07 7.55 17.63
CA ILE B 274 -10.91 8.49 16.54
C ILE B 274 -9.67 9.34 16.77
N ARG B 275 -9.45 9.75 18.02
CA ARG B 275 -8.25 10.52 18.32
C ARG B 275 -7.03 9.63 17.99
N ASP B 276 -7.12 8.35 18.31
CA ASP B 276 -5.99 7.44 18.09
C ASP B 276 -5.75 7.27 16.59
N VAL B 277 -6.81 7.04 15.84
CA VAL B 277 -6.66 6.84 14.41
C VAL B 277 -6.07 8.08 13.75
N LEU B 278 -6.57 9.25 14.13
CA LEU B 278 -6.11 10.49 13.53
C LEU B 278 -4.65 10.75 13.91
N SER B 279 -4.34 10.50 15.17
CA SER B 279 -2.98 10.69 15.64
C SER B 279 -2.02 9.80 14.88
N LYS B 280 -2.37 8.54 14.74
CA LYS B 280 -1.46 7.59 14.11
C LYS B 280 -1.31 7.91 12.64
N ALA B 281 -2.35 8.51 12.03
CA ALA B 281 -2.31 8.90 10.63
C ALA B 281 -1.64 10.25 10.42
N GLY B 282 -1.27 10.94 11.50
CA GLY B 282 -0.61 12.21 11.35
C GLY B 282 -1.56 13.31 10.90
N ILE B 283 -2.83 13.17 11.24
CA ILE B 283 -3.84 14.18 10.85
C ILE B 283 -4.40 14.91 12.07
N ARG B 284 -4.30 16.23 12.08
CA ARG B 284 -4.85 17.04 13.14
C ARG B 284 -5.85 18.04 12.54
N PRO B 285 -7.14 17.70 12.60
CA PRO B 285 -8.10 18.64 12.01
C PRO B 285 -8.09 19.98 12.74
N LYS B 286 -8.39 21.05 12.03
CA LYS B 286 -8.57 22.36 12.66
C LYS B 286 -10.02 22.52 13.13
N GLY B 287 -10.24 22.61 14.43
CA GLY B 287 -11.61 22.71 14.92
C GLY B 287 -12.46 21.53 14.46
N ALA B 288 -13.65 21.82 13.95
CA ALA B 288 -14.68 20.81 13.74
C ALA B 288 -14.38 19.96 12.49
N PHE B 289 -14.83 18.72 12.47
CA PHE B 289 -14.61 17.87 11.32
C PHE B 289 -15.66 16.79 11.30
N GLN B 290 -15.76 16.21 10.12
CA GLN B 290 -16.71 15.16 9.84
C GLN B 290 -15.89 13.89 9.58
N ILE B 291 -16.33 12.77 10.12
CA ILE B 291 -15.64 11.53 9.84
C ILE B 291 -16.59 10.43 9.43
N PHE B 292 -16.15 9.72 8.38
CA PHE B 292 -16.84 8.57 7.81
C PHE B 292 -16.06 7.32 8.20
N ARG B 293 -16.76 6.30 8.67
CA ARG B 293 -16.13 5.13 9.28
C ARG B 293 -16.71 3.84 8.71
N ALA B 294 -15.83 2.98 8.23
CA ALA B 294 -16.25 1.64 7.85
C ALA B 294 -16.60 0.87 9.14
N ASP B 295 -17.87 0.55 9.31
CA ASP B 295 -18.35 -0.11 10.53
C ASP B 295 -17.72 -1.47 10.76
N ASN B 296 -17.43 -2.16 9.67
CA ASN B 296 -16.90 -3.52 9.73
C ASN B 296 -15.70 -3.62 8.79
N PRO B 297 -14.47 -3.46 9.33
CA PRO B 297 -13.30 -3.31 8.44
C PRO B 297 -13.17 -4.50 7.47
N ARG B 298 -13.46 -5.70 7.95
CA ARG B 298 -13.32 -6.88 7.13
C ARG B 298 -14.30 -6.84 5.97
N GLU B 299 -15.57 -6.59 6.27
CA GLU B 299 -16.57 -6.53 5.21
C GLU B 299 -16.29 -5.40 4.23
N PHE B 300 -15.90 -4.24 4.74
CA PHE B 300 -15.60 -3.10 3.87
C PHE B 300 -14.42 -3.48 2.96
N TYR B 301 -13.42 -4.11 3.56
CA TYR B 301 -12.22 -4.52 2.82
C TYR B 301 -12.59 -5.51 1.72
N ASP B 302 -13.38 -6.50 2.07
CA ASP B 302 -13.75 -7.52 1.09
C ASP B 302 -14.59 -6.90 -0.04
N THR B 303 -15.44 -5.94 0.32
CA THR B 303 -16.41 -5.40 -0.63
C THR B 303 -15.81 -4.37 -1.61
N TYR B 304 -14.99 -3.45 -1.10
CA TYR B 304 -14.52 -2.30 -1.87
C TYR B 304 -13.01 -2.21 -2.02
N VAL B 305 -12.25 -2.74 -1.07
CA VAL B 305 -10.82 -2.45 -1.04
C VAL B 305 -10.10 -3.49 -1.90
N LYS B 306 -10.22 -4.75 -1.55
CA LYS B 306 -9.52 -5.81 -2.31
C LYS B 306 -10.06 -5.91 -3.72
N THR B 307 -11.26 -5.36 -3.92
CA THR B 307 -11.88 -5.30 -5.24
C THR B 307 -11.50 -4.03 -6.01
N GLY B 308 -10.87 -3.07 -5.35
CA GLY B 308 -10.47 -1.83 -6.04
C GLY B 308 -11.62 -0.96 -6.56
N ILE B 309 -12.68 -0.83 -5.74
CA ILE B 309 -13.90 -0.09 -6.12
C ILE B 309 -13.94 1.26 -5.40
N ASP B 310 -13.72 2.34 -6.13
CA ASP B 310 -13.74 3.67 -5.54
C ASP B 310 -15.10 3.98 -4.89
N LEU B 311 -15.09 4.87 -3.92
CA LEU B 311 -16.33 5.40 -3.36
C LEU B 311 -16.43 6.88 -3.60
N LYS B 312 -17.66 7.37 -3.71
CA LYS B 312 -17.92 8.78 -3.83
C LYS B 312 -18.81 9.22 -2.68
N ILE B 313 -18.33 10.20 -1.94
CA ILE B 313 -19.11 10.75 -0.82
C ILE B 313 -19.58 12.16 -1.20
N VAL B 314 -20.88 12.40 -1.11
CA VAL B 314 -21.39 13.75 -1.23
C VAL B 314 -21.75 14.24 0.16
N SER B 315 -21.11 15.32 0.58
CA SER B 315 -21.35 15.90 1.90
C SER B 315 -21.72 17.38 1.80
N PRO B 316 -23.03 17.68 1.72
CA PRO B 316 -23.42 19.07 1.51
C PRO B 316 -23.27 19.92 2.77
N MET B 317 -22.85 21.15 2.54
CA MET B 317 -22.54 22.11 3.59
C MET B 317 -23.03 23.50 3.16
N VAL B 318 -23.78 24.15 4.04
CA VAL B 318 -24.39 25.46 3.74
C VAL B 318 -23.57 26.64 4.29
N VAL B 319 -23.47 27.70 3.50
CA VAL B 319 -22.78 28.90 3.93
C VAL B 319 -23.59 29.64 4.95
N LYS B 320 -23.01 29.90 6.11
CA LYS B 320 -23.74 30.63 7.15
C LYS B 320 -24.07 32.05 6.74
N LYS B 321 -25.21 32.52 7.21
CA LYS B 321 -25.68 33.86 6.91
C LYS B 321 -24.65 34.91 7.34
N GLN B 322 -23.96 34.66 8.43
CA GLN B 322 -22.96 35.61 8.92
C GLN B 322 -21.87 35.90 7.88
N MET B 323 -21.55 34.93 7.03
CA MET B 323 -20.51 35.13 6.00
C MET B 323 -20.93 36.20 5.00
N GLY B 324 -22.23 36.30 4.74
CA GLY B 324 -22.71 37.34 3.86
C GLY B 324 -22.61 38.71 4.51
N GLN B 325 -22.52 38.75 5.83
CA GLN B 325 -22.35 40.01 6.54
C GLN B 325 -20.89 40.43 6.57
N THR B 326 -19.98 39.47 6.71
CA THR B 326 -18.55 39.78 6.78
C THR B 326 -17.83 39.65 5.43
N GLY B 327 -18.36 38.83 4.54
CA GLY B 327 -17.59 38.32 3.42
C GLY B 327 -16.45 37.41 3.89
N GLY B 328 -15.67 36.87 2.96
CA GLY B 328 -14.52 36.08 3.31
C GLY B 328 -14.38 34.81 2.48
N SER B 329 -13.22 34.20 2.60
CA SER B 329 -12.95 32.95 1.90
C SER B 329 -13.03 31.80 2.86
N TYR B 330 -13.29 30.61 2.33
CA TYR B 330 -13.24 29.40 3.13
C TYR B 330 -12.63 28.27 2.32
N GLU B 331 -11.94 27.36 3.01
CA GLU B 331 -11.26 26.23 2.38
C GLU B 331 -11.73 24.91 2.96
N ASN B 332 -11.88 23.91 2.10
CA ASN B 332 -12.24 22.57 2.53
C ASN B 332 -11.18 21.56 2.10
N GLN B 333 -10.88 20.61 2.98
CA GLN B 333 -9.88 19.58 2.68
C GLN B 333 -10.34 18.27 3.30
N ALA B 334 -10.05 17.16 2.63
CA ALA B 334 -10.42 15.85 3.10
C ALA B 334 -9.19 14.95 3.22
N TYR B 335 -9.37 13.82 3.87
CA TYR B 335 -8.33 12.80 4.04
C TYR B 335 -8.91 11.41 3.94
N GLN B 336 -8.25 10.47 3.25
CA GLN B 336 -8.65 9.07 3.40
C GLN B 336 -7.61 8.36 4.26
N ILE B 337 -8.11 7.44 5.08
CA ILE B 337 -7.26 6.72 6.03
C ILE B 337 -7.54 5.24 5.80
N ASP B 338 -6.59 4.59 5.14
CA ASP B 338 -6.68 3.16 4.80
C ASP B 338 -5.62 2.34 5.56
N PHE B 339 -6.04 1.28 6.23
CA PHE B 339 -5.12 0.49 7.01
C PHE B 339 -4.33 1.37 7.95
N GLY B 340 -4.95 2.44 8.46
CA GLY B 340 -4.30 3.37 9.36
C GLY B 340 -3.39 4.40 8.70
N ASN B 341 -3.28 4.35 7.38
CA ASN B 341 -2.43 5.23 6.62
C ASN B 341 -3.24 6.42 6.08
N GLY B 342 -2.84 7.64 6.38
CA GLY B 342 -3.58 8.81 5.92
C GLY B 342 -3.06 9.37 4.60
N TYR B 343 -3.96 9.90 3.79
CA TYR B 343 -3.61 10.60 2.55
C TYR B 343 -4.52 11.84 2.39
N ALA B 344 -3.92 12.98 2.05
CA ALA B 344 -4.64 14.25 1.98
C ALA B 344 -5.15 14.55 0.58
N SER B 345 -6.39 15.04 0.51
CA SER B 345 -6.95 15.50 -0.75
C SER B 345 -6.37 16.85 -1.12
N ASN B 346 -6.68 17.27 -2.33
CA ASN B 346 -6.48 18.64 -2.73
C ASN B 346 -7.40 19.57 -1.91
N ILE B 347 -7.02 20.83 -1.80
CA ILE B 347 -7.80 21.82 -1.04
C ILE B 347 -8.71 22.64 -2.00
N VAL B 348 -9.98 22.83 -1.64
CA VAL B 348 -10.91 23.62 -2.47
C VAL B 348 -11.35 24.92 -1.76
N ILE B 349 -11.24 26.04 -2.47
CA ILE B 349 -11.41 27.36 -1.88
C ILE B 349 -12.63 28.04 -2.55
N ASN B 350 -13.41 28.78 -1.78
CA ASN B 350 -14.50 29.59 -2.31
C ASN B 350 -14.53 30.91 -1.56
N ASN B 351 -15.25 31.91 -2.08
CA ASN B 351 -15.38 33.18 -1.37
C ASN B 351 -16.85 33.61 -1.30
N VAL B 352 -17.19 34.32 -0.23
CA VAL B 352 -18.57 34.75 0.01
C VAL B 352 -18.59 36.26 -0.13
N PRO B 353 -19.53 36.78 -0.94
CA PRO B 353 -19.57 38.24 -1.09
C PRO B 353 -20.27 38.91 0.09
N LYS B 354 -19.71 40.04 0.51
CA LYS B 354 -20.37 40.90 1.46
C LYS B 354 -21.49 41.67 0.72
N ILE B 355 -22.75 41.33 0.94
CA ILE B 355 -23.85 42.02 0.22
C ILE B 355 -24.19 43.32 0.93
N ASN B 356 -24.13 44.44 0.23
CA ASN B 356 -24.29 45.72 0.91
C ASN B 356 -25.37 46.63 0.29
N PRO B 357 -26.65 46.41 0.65
CA PRO B 357 -27.70 47.29 0.16
C PRO B 357 -27.54 48.69 0.72
N LYS B 358 -28.03 49.70 -0.01
CA LYS B 358 -27.94 51.08 0.45
C LYS B 358 -29.28 51.76 0.24
N LYS B 359 -29.58 52.71 1.13
CA LYS B 359 -30.80 53.52 1.06
C LYS B 359 -30.40 54.97 0.84
N ASP B 360 -31.12 55.64 -0.05
CA ASP B 360 -30.75 56.96 -0.50
C ASP B 360 -32.05 57.74 -0.63
N VAL B 361 -31.95 59.06 -0.77
CA VAL B 361 -33.12 59.89 -1.03
C VAL B 361 -32.85 60.80 -2.22
N THR B 362 -33.82 60.91 -3.10
CA THR B 362 -33.72 61.79 -4.26
C THR B 362 -35.03 62.55 -4.49
N ASN B 385 -39.24 60.15 -3.27
CA ASN B 385 -38.47 58.95 -3.65
C ASN B 385 -37.37 58.45 -2.67
N TYR B 386 -37.62 57.31 -2.01
CA TYR B 386 -36.52 56.56 -1.39
C TYR B 386 -35.91 55.70 -2.50
N ARG B 387 -34.59 55.74 -2.60
CA ARG B 387 -33.88 54.92 -3.57
C ARG B 387 -33.27 53.75 -2.81
N LEU B 388 -33.77 52.56 -3.09
CA LEU B 388 -33.32 51.37 -2.39
C LEU B 388 -32.37 50.63 -3.29
N ILE B 389 -31.08 50.75 -3.01
CA ILE B 389 -30.07 50.16 -3.88
C ILE B 389 -29.84 48.75 -3.43
N GLY B 390 -30.12 47.81 -4.32
CA GLY B 390 -29.98 46.41 -4.02
C GLY B 390 -28.54 45.96 -3.89
N GLY B 391 -28.31 44.86 -3.18
CA GLY B 391 -26.99 44.27 -3.07
C GLY B 391 -26.45 43.77 -4.42
N ILE B 392 -25.14 43.71 -4.55
CA ILE B 392 -24.54 43.20 -5.78
C ILE B 392 -24.26 41.72 -5.68
N ILE B 393 -24.83 40.96 -6.61
CA ILE B 393 -24.40 39.58 -6.83
C ILE B 393 -23.24 39.62 -7.80
N PRO B 394 -22.03 39.26 -7.34
CA PRO B 394 -20.91 39.31 -8.29
C PRO B 394 -21.07 38.31 -9.42
N ALA B 395 -20.40 38.62 -10.52
CA ALA B 395 -20.18 37.65 -11.59
C ALA B 395 -19.45 36.40 -11.08
N ASN B 396 -19.53 35.32 -11.86
CA ASN B 396 -18.86 34.05 -11.51
C ASN B 396 -19.33 33.51 -10.15
N HIS B 397 -20.64 33.55 -9.93
CA HIS B 397 -21.23 32.94 -8.75
C HIS B 397 -21.75 31.53 -9.10
N SER B 398 -22.25 30.83 -8.09
CA SER B 398 -22.26 29.37 -8.14
C SER B 398 -23.65 28.79 -8.22
N GLU B 399 -24.66 29.64 -8.04
CA GLU B 399 -26.03 29.21 -7.85
C GLU B 399 -27.02 30.14 -8.53
N GLU B 400 -28.15 29.60 -8.96
CA GLU B 400 -29.21 30.42 -9.54
C GLU B 400 -29.75 31.38 -8.51
N LEU B 401 -30.09 32.57 -8.99
CA LEU B 401 -30.90 33.52 -8.24
C LEU B 401 -32.34 33.10 -8.29
N PHE B 402 -32.97 33.02 -7.12
CA PHE B 402 -34.42 32.76 -7.06
C PHE B 402 -35.19 33.77 -6.23
N LYS B 403 -34.50 34.59 -5.45
CA LYS B 403 -35.18 35.63 -4.67
C LYS B 403 -34.31 36.87 -4.55
N TYR B 404 -34.94 38.01 -4.80
CA TYR B 404 -34.32 39.33 -4.70
C TYR B 404 -35.43 40.32 -4.39
N ASN B 405 -35.61 40.62 -3.10
CA ASN B 405 -36.68 41.48 -2.63
C ASN B 405 -36.14 42.72 -1.94
N PHE B 406 -36.92 43.79 -2.06
CA PHE B 406 -36.73 45.02 -1.31
C PHE B 406 -37.85 45.12 -0.29
N TYR B 407 -37.51 45.27 0.97
CA TYR B 407 -38.51 45.48 2.02
C TYR B 407 -38.27 46.82 2.65
N ASP B 408 -39.29 47.65 2.72
CA ASP B 408 -39.15 48.95 3.32
C ASP B 408 -40.22 49.14 4.38
N ASP B 409 -39.75 49.42 5.58
CA ASP B 409 -40.56 49.69 6.73
C ASP B 409 -40.46 51.18 6.97
N TYR B 410 -41.53 51.91 6.65
CA TYR B 410 -41.51 53.37 6.75
C TYR B 410 -42.53 53.82 7.79
N ASP B 411 -42.32 55.02 8.31
CA ASP B 411 -43.06 55.51 9.47
C ASP B 411 -44.56 55.62 9.18
N GLN B 412 -44.91 56.09 7.99
CA GLN B 412 -46.31 56.23 7.55
C GLN B 412 -47.03 57.34 8.32
N THR B 413 -46.30 57.98 9.23
CA THR B 413 -46.83 59.07 10.02
C THR B 413 -47.23 60.28 9.17
N GLY B 414 -46.34 60.86 8.37
CA GLY B 414 -44.96 60.45 8.17
C GLY B 414 -44.63 60.54 6.68
N ASP B 415 -44.55 59.36 6.04
CA ASP B 415 -44.44 59.28 4.60
C ASP B 415 -45.68 58.55 4.08
N HIS B 416 -46.27 58.99 2.97
CA HIS B 416 -47.49 58.34 2.43
C HIS B 416 -47.29 57.69 1.04
N TYR B 417 -47.56 56.41 0.91
CA TYR B 417 -47.24 55.74 -0.32
C TYR B 417 -48.30 56.01 -1.37
N THR B 418 -47.83 56.56 -2.48
CA THR B 418 -48.64 57.02 -3.60
C THR B 418 -49.20 55.83 -4.36
N GLY B 419 -48.53 54.71 -4.23
CA GLY B 419 -48.80 53.57 -5.06
C GLY B 419 -47.92 53.51 -6.28
N GLN B 420 -46.94 54.39 -6.38
CA GLN B 420 -45.99 54.29 -7.48
C GLN B 420 -44.56 53.90 -7.10
N TYR B 421 -44.09 52.84 -7.72
CA TYR B 421 -42.68 52.47 -7.64
C TYR B 421 -42.12 52.05 -8.98
N LYS B 422 -40.81 52.17 -9.13
CA LYS B 422 -40.12 51.68 -10.30
C LYS B 422 -38.85 50.97 -9.87
N VAL B 423 -38.41 50.03 -10.70
CA VAL B 423 -37.20 49.25 -10.45
C VAL B 423 -36.35 49.26 -11.72
N PHE B 424 -35.04 49.38 -11.53
CA PHE B 424 -34.10 49.43 -12.65
C PHE B 424 -32.91 48.49 -12.45
N ALA B 425 -32.37 48.00 -13.56
CA ALA B 425 -31.06 47.33 -13.55
C ALA B 425 -29.96 48.33 -13.21
N LYS B 426 -29.02 47.92 -12.36
CA LYS B 426 -27.84 48.72 -12.01
C LYS B 426 -26.53 48.18 -12.61
N VAL B 427 -26.57 46.99 -13.19
CA VAL B 427 -25.44 46.47 -13.96
C VAL B 427 -25.99 45.87 -15.24
N ASP B 428 -25.12 45.64 -16.24
CA ASP B 428 -25.50 44.82 -17.38
C ASP B 428 -25.78 43.40 -16.91
N ILE B 429 -26.96 42.88 -17.24
CA ILE B 429 -27.37 41.54 -16.77
C ILE B 429 -27.46 40.55 -17.93
N THR B 430 -26.71 39.47 -17.83
CA THR B 430 -26.65 38.47 -18.87
C THR B 430 -27.57 37.30 -18.52
N LEU B 431 -28.46 36.97 -19.45
CA LEU B 431 -29.37 35.85 -19.31
C LEU B 431 -28.77 34.55 -19.89
N LYS B 432 -29.33 33.42 -19.50
CA LYS B 432 -28.84 32.10 -19.93
C LYS B 432 -28.82 31.91 -21.45
N ASN B 433 -29.65 32.65 -22.17
CA ASN B 433 -29.65 32.58 -23.63
C ASN B 433 -28.85 33.68 -24.32
N GLY B 434 -27.97 34.36 -23.58
CA GLY B 434 -27.15 35.40 -24.17
C GLY B 434 -27.80 36.76 -24.38
N VAL B 435 -29.08 36.88 -24.02
CA VAL B 435 -29.73 38.19 -23.99
C VAL B 435 -29.07 39.05 -22.92
N ILE B 436 -28.78 40.31 -23.24
CA ILE B 436 -28.26 41.23 -22.23
C ILE B 436 -29.28 42.33 -21.90
N ILE B 437 -29.55 42.52 -20.60
CA ILE B 437 -30.31 43.67 -20.12
C ILE B 437 -29.31 44.71 -19.65
N LYS B 438 -29.27 45.82 -20.37
CA LYS B 438 -28.28 46.86 -20.11
C LYS B 438 -28.59 47.55 -18.81
N SER B 439 -27.53 47.94 -18.10
CA SER B 439 -27.65 48.81 -16.93
C SER B 439 -28.60 49.99 -17.18
N GLY B 440 -29.52 50.23 -16.25
CA GLY B 440 -30.40 51.38 -16.36
C GLY B 440 -31.74 51.03 -16.94
N THR B 441 -31.87 49.82 -17.48
CA THR B 441 -33.13 49.35 -18.06
C THR B 441 -34.18 49.21 -16.96
N GLU B 442 -35.39 49.71 -17.19
CA GLU B 442 -36.46 49.52 -16.21
C GLU B 442 -36.85 48.03 -16.11
N LEU B 443 -36.94 47.53 -14.88
CA LEU B 443 -37.32 46.13 -14.64
C LEU B 443 -38.65 45.95 -13.90
N THR B 444 -39.40 47.04 -13.73
CA THR B 444 -40.64 47.03 -12.95
C THR B 444 -41.60 45.91 -13.36
N GLN B 445 -41.68 45.65 -14.65
CA GLN B 445 -42.54 44.59 -15.19
C GLN B 445 -42.21 43.18 -14.67
N TYR B 446 -40.98 42.97 -14.20
CA TYR B 446 -40.58 41.68 -13.66
C TYR B 446 -40.71 41.61 -12.15
N THR B 447 -41.42 42.58 -11.57
CA THR B 447 -41.61 42.61 -10.12
C THR B 447 -43.09 42.68 -9.75
N THR B 448 -43.41 42.35 -8.51
CA THR B 448 -44.73 42.63 -7.95
C THR B 448 -44.49 43.34 -6.65
N ALA B 449 -45.55 43.85 -6.06
CA ALA B 449 -45.44 44.56 -4.80
C ALA B 449 -46.62 44.29 -3.90
N GLU B 450 -46.33 44.07 -2.62
CA GLU B 450 -47.32 43.95 -1.56
C GLU B 450 -47.23 45.18 -0.66
N VAL B 451 -48.32 45.90 -0.49
CA VAL B 451 -48.31 47.14 0.27
C VAL B 451 -49.25 47.03 1.48
N ASP B 452 -48.73 47.40 2.63
CA ASP B 452 -49.49 47.45 3.88
C ASP B 452 -49.47 48.88 4.36
N THR B 453 -50.44 49.67 3.92
CA THR B 453 -50.46 51.10 4.22
C THR B 453 -50.73 51.35 5.68
N THR B 454 -51.48 50.46 6.31
CA THR B 454 -51.76 50.55 7.74
C THR B 454 -50.53 50.24 8.58
N LYS B 455 -49.80 49.21 8.18
CA LYS B 455 -48.58 48.83 8.89
C LYS B 455 -47.43 49.79 8.54
N GLY B 456 -47.48 50.32 7.31
CA GLY B 456 -46.39 51.13 6.79
C GLY B 456 -45.23 50.24 6.37
N ALA B 457 -45.52 49.25 5.52
CA ALA B 457 -44.50 48.36 5.00
C ALA B 457 -44.82 48.02 3.58
N ILE B 458 -43.77 47.89 2.78
CA ILE B 458 -43.87 47.54 1.37
C ILE B 458 -42.75 46.57 0.97
N THR B 459 -43.14 45.53 0.26
CA THR B 459 -42.22 44.58 -0.28
C THR B 459 -42.34 44.50 -1.80
N ILE B 460 -41.22 44.74 -2.46
CA ILE B 460 -41.08 44.64 -3.90
C ILE B 460 -40.32 43.36 -4.22
N LYS B 461 -40.95 42.47 -4.97
CA LYS B 461 -40.38 41.17 -5.21
C LYS B 461 -40.15 40.96 -6.68
N PHE B 462 -38.94 40.51 -7.05
CA PHE B 462 -38.67 40.09 -8.41
C PHE B 462 -39.36 38.74 -8.62
N LYS B 463 -39.91 38.54 -9.80
CA LYS B 463 -40.47 37.26 -10.16
C LYS B 463 -39.39 36.18 -10.26
N GLU B 464 -39.64 35.04 -9.63
CA GLU B 464 -38.63 33.98 -9.56
C GLU B 464 -38.16 33.53 -10.93
N ALA B 465 -39.09 33.37 -11.87
CA ALA B 465 -38.78 32.85 -13.19
C ALA B 465 -37.78 33.76 -13.91
N PHE B 466 -37.97 35.06 -13.72
CA PHE B 466 -37.04 36.04 -14.26
C PHE B 466 -35.64 35.88 -13.61
N LEU B 467 -35.58 35.90 -12.29
CA LEU B 467 -34.30 35.73 -11.59
C LEU B 467 -33.57 34.45 -12.00
N ARG B 468 -34.31 33.37 -12.20
CA ARG B 468 -33.68 32.11 -12.54
C ARG B 468 -33.20 32.08 -14.01
N SER B 469 -33.70 33.00 -14.83
CA SER B 469 -33.26 33.07 -16.21
C SER B 469 -31.88 33.73 -16.30
N VAL B 470 -31.41 34.31 -15.21
CA VAL B 470 -30.14 35.02 -15.23
C VAL B 470 -28.96 34.02 -15.18
N SER B 471 -27.96 34.24 -16.02
CA SER B 471 -26.80 33.36 -16.03
C SER B 471 -26.05 33.37 -14.70
N ILE B 472 -25.52 32.21 -14.25
CA ILE B 472 -24.75 32.24 -13.02
C ILE B 472 -23.40 32.93 -13.18
N ASP B 473 -22.94 33.09 -14.42
CA ASP B 473 -21.77 33.92 -14.67
C ASP B 473 -22.00 35.40 -14.49
N SER B 474 -23.26 35.83 -14.59
CA SER B 474 -23.56 37.27 -14.64
C SER B 474 -23.50 37.93 -13.26
N ALA B 475 -23.02 39.15 -13.19
CA ALA B 475 -23.35 40.00 -12.07
C ALA B 475 -24.87 40.31 -12.10
N PHE B 476 -25.41 40.67 -10.95
CA PHE B 476 -26.80 41.12 -10.87
C PHE B 476 -26.93 42.17 -9.81
N GLN B 477 -27.66 43.23 -10.17
CA GLN B 477 -27.99 44.26 -9.20
C GLN B 477 -29.15 45.09 -9.73
N ALA B 478 -30.04 45.46 -8.82
CA ALA B 478 -31.17 46.31 -9.16
C ALA B 478 -31.43 47.32 -8.05
N GLU B 479 -32.16 48.38 -8.38
CA GLU B 479 -32.49 49.41 -7.41
C GLU B 479 -33.95 49.80 -7.58
N SER B 480 -34.60 50.12 -6.46
CA SER B 480 -36.00 50.54 -6.47
C SER B 480 -36.15 51.99 -6.08
N TYR B 481 -37.09 52.67 -6.75
CA TYR B 481 -37.53 54.01 -6.39
C TYR B 481 -38.95 53.91 -5.87
N ILE B 482 -39.15 54.33 -4.62
CA ILE B 482 -40.46 54.27 -4.01
C ILE B 482 -40.93 55.70 -3.73
N GLN B 483 -42.05 56.08 -4.35
CA GLN B 483 -42.44 57.48 -4.35
C GLN B 483 -43.20 57.79 -3.08
N MET B 484 -42.70 58.75 -2.34
CA MET B 484 -43.29 59.08 -1.05
C MET B 484 -43.74 60.55 -1.03
N LYS B 485 -44.99 60.77 -0.62
CA LYS B 485 -45.46 62.09 -0.23
C LYS B 485 -45.28 62.22 1.28
N ARG B 486 -44.52 63.21 1.73
CA ARG B 486 -44.43 63.52 3.15
C ARG B 486 -45.73 64.15 3.68
N ILE B 487 -46.33 63.53 4.70
CA ILE B 487 -47.58 64.03 5.28
C ILE B 487 -47.41 64.49 6.72
N ALA B 488 -46.19 64.90 7.08
CA ALA B 488 -45.91 65.31 8.45
C ALA B 488 -44.54 65.97 8.60
N VAL B 489 -44.22 66.36 9.84
CA VAL B 489 -43.00 67.08 10.16
C VAL B 489 -42.28 66.36 11.28
N GLY B 490 -40.96 66.52 11.32
CA GLY B 490 -40.12 65.78 12.24
C GLY B 490 -39.32 64.74 11.48
N THR B 491 -38.74 63.79 12.19
CA THR B 491 -37.86 62.80 11.58
C THR B 491 -38.48 61.41 11.58
N PHE B 492 -38.51 60.79 10.41
CA PHE B 492 -39.11 59.46 10.22
C PHE B 492 -38.06 58.43 9.80
N GLU B 493 -37.55 57.69 10.77
CA GLU B 493 -36.56 56.67 10.44
C GLU B 493 -37.17 55.72 9.41
N ASN B 494 -36.36 55.38 8.41
CA ASN B 494 -36.78 54.48 7.35
C ASN B 494 -35.83 53.29 7.27
N THR B 495 -36.40 52.10 7.20
CA THR B 495 -35.60 50.89 7.23
C THR B 495 -35.80 50.11 5.95
N TYR B 496 -34.69 49.68 5.36
CA TYR B 496 -34.69 48.98 4.09
C TYR B 496 -33.87 47.71 4.22
N ILE B 497 -34.51 46.58 3.92
CA ILE B 497 -33.87 45.28 3.96
C ILE B 497 -34.00 44.57 2.63
N ASN B 498 -32.85 44.03 2.18
CA ASN B 498 -32.73 43.41 0.88
C ASN B 498 -32.53 41.94 1.13
N THR B 499 -33.40 41.13 0.55
CA THR B 499 -33.27 39.68 0.66
C THR B 499 -32.72 39.12 -0.62
N VAL B 500 -31.61 38.37 -0.53
CA VAL B 500 -31.00 37.71 -1.68
C VAL B 500 -31.02 36.21 -1.41
N ASN B 501 -31.75 35.47 -2.24
CA ASN B 501 -31.96 34.05 -2.02
C ASN B 501 -32.36 33.80 -0.57
N GLY B 502 -31.56 33.08 0.19
CA GLY B 502 -31.97 32.71 1.53
C GLY B 502 -31.61 33.64 2.68
N VAL B 503 -31.08 34.82 2.40
CA VAL B 503 -30.51 35.65 3.46
C VAL B 503 -30.96 37.11 3.35
N THR B 504 -31.23 37.73 4.49
CA THR B 504 -31.58 39.15 4.53
C THR B 504 -30.35 39.99 4.85
N TYR B 505 -30.30 41.18 4.27
CA TYR B 505 -29.21 42.11 4.46
C TYR B 505 -29.79 43.48 4.71
N SER B 506 -29.37 44.11 5.79
CA SER B 506 -29.94 45.39 6.11
C SER B 506 -29.08 46.55 5.62
N SER B 507 -29.80 47.59 5.24
CA SER B 507 -29.44 48.99 5.39
C SER B 507 -29.41 49.64 4.04
CA CA C . -5.64 5.29 -7.23
CA CA D . -12.60 22.27 10.59
MG MG E . -14.71 25.30 -0.76
MG MG F . 0.08 7.24 4.57
#